data_2OZV
#
_entry.id   2OZV
#
_cell.length_a   48.544
_cell.length_b   78.054
_cell.length_c   62.261
_cell.angle_alpha   90.00
_cell.angle_beta   94.55
_cell.angle_gamma   90.00
#
_symmetry.space_group_name_H-M   'P 1 21 1'
#
loop_
_entity.id
_entity.type
_entity.pdbx_description
1 polymer 'Hypothetical protein Atu0636'
2 water water
#
_entity_poly.entity_id   1
_entity_poly.type   'polypeptide(L)'
_entity_poly.pdbx_seq_one_letter_code
;(MSE)GSSHHHHHHSSGRENLYFQGH(MSE)DA(MSE)LLASLVADDRACRIADLGAGAGAAG(MSE)AVAARLEKAEVT
LYERSQE(MSE)AEFARRSLELPDNAAFSARIEVLEADVTLRAKARVEAGLPDEHFHHVI(MSE)NPPYNDAGDRRTPDA
LKAEAHA(MSE)TEGLFEDWIRTASAI(MSE)VSGGQLSLISRPQSVAEIIAACGSRFGGLEITLIHPRPGEDAVR
(MSE)LVTAIKGSRARLTFRAPLI(MSE)HETGSHAFTPFVDDLNNGRAAYARNVRAIRTASGS
;
_entity_poly.pdbx_strand_id   A,B
#
# COMPACT_ATOMS: atom_id res chain seq x y z
N ASP A 24 -2.10 16.45 9.76
CA ASP A 24 -2.98 15.72 8.78
C ASP A 24 -3.68 16.72 7.86
N ALA A 25 -4.23 17.76 8.46
CA ALA A 25 -5.09 18.69 7.68
C ALA A 25 -4.25 19.44 6.65
N LEU A 27 -1.35 18.38 5.26
CA LEU A 27 -0.90 17.46 4.24
C LEU A 27 -2.03 17.10 3.28
N LEU A 28 -3.21 16.84 3.84
CA LEU A 28 -4.39 16.61 3.01
C LEU A 28 -4.66 17.80 2.07
N ALA A 29 -4.64 19.02 2.62
CA ALA A 29 -4.93 20.21 1.82
C ALA A 29 -3.92 20.37 0.68
N SER A 30 -2.69 19.93 0.92
CA SER A 30 -1.63 20.14 -0.06
C SER A 30 -1.84 19.29 -1.33
N LEU A 31 -2.69 18.28 -1.23
CA LEU A 31 -3.04 17.43 -2.39
C LEU A 31 -3.87 18.12 -3.46
N VAL A 32 -4.48 19.27 -3.11
CA VAL A 32 -5.24 20.04 -4.11
C VAL A 32 -4.26 20.96 -4.87
N ALA A 33 -3.73 20.43 -5.98
CA ALA A 33 -2.68 21.10 -6.75
C ALA A 33 -3.36 21.64 -7.99
N ASP A 34 -4.11 22.72 -7.81
CA ASP A 34 -5.02 23.18 -8.85
C ASP A 34 -5.09 24.68 -8.75
N ASP A 35 -4.60 25.38 -9.76
N ASP A 35 -4.75 25.31 -9.86
CA ASP A 35 -4.61 26.85 -9.74
CA ASP A 35 -4.77 26.76 -10.07
C ASP A 35 -5.73 27.41 -10.65
C ASP A 35 -6.13 27.28 -10.55
N ARG A 36 -6.78 26.62 -10.83
N ARG A 36 -6.90 26.41 -11.19
CA ARG A 36 -7.96 27.07 -11.56
CA ARG A 36 -8.22 26.79 -11.71
C ARG A 36 -9.07 27.40 -10.56
C ARG A 36 -9.10 27.33 -10.60
N ALA A 37 -10.07 28.16 -10.98
CA ALA A 37 -11.24 28.38 -10.14
C ALA A 37 -11.87 26.98 -10.03
N CYS A 38 -12.07 26.50 -8.81
CA CYS A 38 -12.63 25.16 -8.67
C CYS A 38 -13.52 25.10 -7.43
N ARG A 39 -14.35 24.07 -7.39
CA ARG A 39 -15.23 23.84 -6.27
C ARG A 39 -14.71 22.62 -5.54
N ILE A 40 -14.53 22.77 -4.24
CA ILE A 40 -13.92 21.73 -3.41
C ILE A 40 -14.89 21.41 -2.30
N ALA A 41 -15.11 20.11 -2.05
CA ALA A 41 -15.87 19.67 -0.90
C ALA A 41 -14.93 19.04 0.10
N ASP A 42 -15.10 19.40 1.36
CA ASP A 42 -14.38 18.74 2.45
C ASP A 42 -15.39 17.93 3.21
N LEU A 43 -15.28 16.60 3.12
CA LEU A 43 -16.30 15.75 3.74
C LEU A 43 -16.11 15.53 5.25
N GLY A 44 -15.03 16.06 5.85
CA GLY A 44 -14.73 15.88 7.31
C GLY A 44 -13.56 14.89 7.39
N ALA A 45 -13.23 14.39 8.59
CA ALA A 45 -13.78 14.89 9.86
C ALA A 45 -12.87 16.04 10.31
N GLY A 46 -13.42 16.84 11.21
N GLY A 46 -13.27 16.91 11.23
CA GLY A 46 -12.81 18.07 11.70
CA GLY A 46 -12.24 17.85 11.79
C GLY A 46 -13.85 19.17 11.69
C GLY A 46 -12.39 19.37 11.69
N ALA A 47 -13.40 20.37 12.01
N ALA A 47 -13.64 19.82 11.70
CA ALA A 47 -14.23 21.53 11.90
CA ALA A 47 -13.97 21.24 11.90
C ALA A 47 -13.83 22.31 10.64
C ALA A 47 -13.45 22.17 10.81
N GLY A 48 -13.35 21.61 9.61
CA GLY A 48 -12.94 22.30 8.38
C GLY A 48 -11.49 22.72 8.25
N ALA A 49 -10.59 22.21 9.08
CA ALA A 49 -9.20 22.68 9.02
C ALA A 49 -8.57 22.42 7.63
N ALA A 50 -8.87 21.29 7.00
CA ALA A 50 -8.25 20.99 5.69
C ALA A 50 -8.80 21.91 4.60
N GLY A 51 -10.13 21.98 4.49
CA GLY A 51 -10.77 22.87 3.52
C GLY A 51 -10.33 24.33 3.74
N ALA A 53 -7.41 25.29 5.02
CA ALA A 53 -6.03 25.37 4.53
C ALA A 53 -6.01 25.47 3.00
N VAL A 54 -6.91 24.75 2.33
CA VAL A 54 -6.99 24.83 0.87
C VAL A 54 -7.37 26.25 0.44
N ALA A 55 -8.44 26.79 1.02
CA ALA A 55 -8.88 28.16 0.70
C ALA A 55 -7.82 29.22 0.99
N ALA A 56 -7.09 29.05 2.09
CA ALA A 56 -6.06 30.01 2.47
C ALA A 56 -4.99 30.07 1.39
N ARG A 57 -4.68 28.92 0.79
CA ARG A 57 -3.64 28.81 -0.23
C ARG A 57 -4.09 29.16 -1.64
N LEU A 58 -5.30 28.72 -2.01
CA LEU A 58 -5.79 28.83 -3.38
C LEU A 58 -6.88 29.89 -3.41
N GLU A 59 -6.51 31.11 -3.80
N GLU A 59 -6.51 31.10 -3.84
CA GLU A 59 -7.44 32.26 -3.77
CA GLU A 59 -7.39 32.28 -3.83
C GLU A 59 -8.68 32.13 -4.67
C GLU A 59 -8.66 32.12 -4.66
N LYS A 60 -8.63 31.23 -5.65
CA LYS A 60 -9.78 30.99 -6.54
C LYS A 60 -10.62 29.76 -6.16
N ALA A 61 -10.26 29.10 -5.06
CA ALA A 61 -11.02 27.93 -4.61
C ALA A 61 -12.32 28.37 -3.96
N GLU A 62 -13.39 27.64 -4.28
CA GLU A 62 -14.66 27.76 -3.59
C GLU A 62 -14.79 26.49 -2.75
N VAL A 63 -14.86 26.62 -1.43
CA VAL A 63 -14.83 25.46 -0.53
C VAL A 63 -16.14 25.26 0.22
N THR A 64 -16.62 24.00 0.25
CA THR A 64 -17.80 23.64 1.01
C THR A 64 -17.37 22.66 2.09
N LEU A 65 -17.61 23.01 3.35
CA LEU A 65 -17.30 22.13 4.50
C LEU A 65 -18.58 21.40 4.90
N TYR A 66 -18.59 20.06 4.81
CA TYR A 66 -19.77 19.33 5.24
C TYR A 66 -19.59 18.77 6.66
N GLU A 67 -20.59 18.97 7.52
CA GLU A 67 -20.58 18.44 8.90
C GLU A 67 -21.89 17.67 9.15
N ARG A 68 -21.87 16.53 9.84
CA ARG A 68 -23.17 15.84 10.02
C ARG A 68 -24.10 16.54 11.00
N SER A 69 -23.50 16.98 12.10
CA SER A 69 -24.31 17.46 13.21
C SER A 69 -24.38 18.98 13.24
N GLN A 70 -25.48 19.48 13.79
CA GLN A 70 -25.65 20.92 13.95
C GLN A 70 -24.53 21.49 14.82
N GLU A 71 -24.20 20.75 15.88
N GLU A 71 -24.18 20.77 15.89
CA GLU A 71 -23.20 21.13 16.85
CA GLU A 71 -23.18 21.27 16.83
C GLU A 71 -21.85 21.41 16.19
C GLU A 71 -21.82 21.45 16.16
N ALA A 73 -21.35 21.77 12.90
CA ALA A 73 -21.52 22.82 11.89
C ALA A 73 -21.41 24.19 12.53
N GLU A 74 -22.07 24.38 13.68
CA GLU A 74 -22.02 25.67 14.37
C GLU A 74 -20.61 25.98 14.86
N PHE A 75 -19.92 24.95 15.38
CA PHE A 75 -18.53 25.11 15.78
C PHE A 75 -17.61 25.55 14.63
N ALA A 76 -17.74 24.89 13.47
CA ALA A 76 -16.98 25.26 12.27
C ALA A 76 -17.32 26.70 11.86
N ARG A 77 -18.60 27.03 11.87
CA ARG A 77 -19.02 28.41 11.55
C ARG A 77 -18.39 29.46 12.47
N ARG A 78 -18.41 29.23 13.79
N ARG A 78 -18.41 29.21 13.79
CA ARG A 78 -17.79 30.19 14.73
CA ARG A 78 -17.82 30.12 14.78
C ARG A 78 -16.29 30.30 14.53
C ARG A 78 -16.32 30.29 14.53
N SER A 79 -15.67 29.18 14.20
CA SER A 79 -14.25 29.14 13.83
C SER A 79 -13.98 30.08 12.64
N LEU A 80 -14.88 30.07 11.66
N LEU A 80 -14.81 29.94 11.62
CA LEU A 80 -14.74 30.92 10.46
CA LEU A 80 -14.63 30.63 10.34
C LEU A 80 -15.12 32.39 10.66
C LEU A 80 -14.67 32.14 10.51
N GLU A 81 -15.65 32.73 11.84
N GLU A 81 -15.47 32.61 11.47
CA GLU A 81 -15.99 34.12 12.12
CA GLU A 81 -15.75 34.02 11.67
C GLU A 81 -14.84 34.83 12.83
C GLU A 81 -14.65 34.82 12.40
N LEU A 82 -13.75 34.10 13.06
CA LEU A 82 -12.57 34.69 13.71
C LEU A 82 -11.84 35.64 12.74
N PRO A 83 -11.49 36.87 13.19
CA PRO A 83 -10.71 37.79 12.34
C PRO A 83 -9.49 37.11 11.73
N ASP A 84 -8.91 36.17 12.49
CA ASP A 84 -7.81 35.34 12.07
C ASP A 84 -8.01 34.65 10.71
N ASN A 85 -9.27 34.37 10.36
CA ASN A 85 -9.62 33.67 9.12
C ASN A 85 -10.26 34.56 8.05
N ALA A 86 -10.24 35.87 8.27
CA ALA A 86 -10.96 36.82 7.43
C ALA A 86 -10.50 36.89 5.97
N ALA A 87 -9.23 36.56 5.72
CA ALA A 87 -8.67 36.63 4.36
C ALA A 87 -9.38 35.72 3.36
N PHE A 88 -9.83 34.57 3.84
CA PHE A 88 -10.38 33.54 2.96
C PHE A 88 -11.81 33.09 3.32
N SER A 89 -12.33 33.53 4.48
CA SER A 89 -13.59 32.98 4.98
C SER A 89 -14.79 33.14 4.05
N ALA A 90 -14.82 34.22 3.25
CA ALA A 90 -15.94 34.43 2.33
C ALA A 90 -16.06 33.33 1.28
N ARG A 91 -14.96 32.63 1.05
CA ARG A 91 -14.95 31.57 0.02
C ARG A 91 -15.28 30.21 0.60
N ILE A 92 -15.66 30.20 1.88
CA ILE A 92 -16.00 28.94 2.52
C ILE A 92 -17.45 28.94 3.02
N GLU A 93 -18.17 27.84 2.77
N GLU A 93 -18.15 27.84 2.76
CA GLU A 93 -19.51 27.69 3.33
CA GLU A 93 -19.50 27.65 3.29
C GLU A 93 -19.60 26.37 4.08
C GLU A 93 -19.49 26.40 4.16
N VAL A 94 -20.29 26.41 5.22
CA VAL A 94 -20.46 25.21 6.05
C VAL A 94 -21.90 24.73 5.84
N LEU A 95 -22.04 23.47 5.45
CA LEU A 95 -23.36 22.82 5.28
C LEU A 95 -23.50 21.64 6.21
N GLU A 96 -24.68 21.49 6.79
N GLU A 96 -24.66 21.50 6.84
CA GLU A 96 -25.03 20.34 7.62
CA GLU A 96 -24.94 20.31 7.64
C GLU A 96 -25.57 19.25 6.69
C GLU A 96 -25.56 19.25 6.72
N ALA A 97 -24.88 18.11 6.61
CA ALA A 97 -25.29 16.99 5.73
C ALA A 97 -24.65 15.73 6.21
N ASP A 98 -25.43 14.66 6.18
CA ASP A 98 -24.88 13.37 6.44
C ASP A 98 -24.25 12.83 5.14
N VAL A 99 -22.92 12.75 5.10
CA VAL A 99 -22.19 12.41 3.86
C VAL A 99 -22.30 10.92 3.49
N THR A 100 -23.00 10.14 4.32
CA THR A 100 -23.25 8.73 4.00
C THR A 100 -24.60 8.51 3.30
N LEU A 101 -25.40 9.58 3.15
CA LEU A 101 -26.70 9.47 2.48
C LEU A 101 -26.56 9.06 1.01
N ARG A 102 -27.66 8.53 0.46
CA ARG A 102 -27.68 8.08 -0.92
C ARG A 102 -28.62 8.87 -1.81
N ALA A 103 -28.38 8.87 -3.12
CA ALA A 103 -29.41 9.30 -4.10
C ALA A 103 -30.18 10.59 -3.83
N LYS A 104 -31.52 10.50 -3.86
CA LYS A 104 -32.38 11.68 -3.64
C LYS A 104 -32.14 12.33 -2.28
N ALA A 105 -31.91 11.49 -1.26
CA ALA A 105 -31.70 11.94 0.11
C ALA A 105 -30.43 12.80 0.09
N ARG A 106 -29.42 12.33 -0.65
N ARG A 106 -29.41 12.34 -0.63
CA ARG A 106 -28.12 13.01 -0.76
CA ARG A 106 -28.14 13.05 -0.73
C ARG A 106 -28.28 14.41 -1.39
C ARG A 106 -28.31 14.43 -1.36
N VAL A 107 -28.95 14.47 -2.54
CA VAL A 107 -29.17 15.74 -3.23
C VAL A 107 -29.98 16.73 -2.35
N GLU A 108 -31.05 16.20 -1.74
N GLU A 108 -31.05 16.22 -1.74
CA GLU A 108 -31.94 16.97 -0.85
CA GLU A 108 -31.90 17.01 -0.85
C GLU A 108 -31.16 17.52 0.38
C GLU A 108 -31.08 17.59 0.31
N ALA A 109 -30.13 16.78 0.80
CA ALA A 109 -29.27 17.19 1.93
C ALA A 109 -28.21 18.22 1.54
N GLY A 110 -28.10 18.53 0.24
CA GLY A 110 -27.18 19.57 -0.21
C GLY A 110 -25.85 19.05 -0.73
N LEU A 111 -25.86 17.77 -1.12
CA LEU A 111 -24.70 17.11 -1.72
C LEU A 111 -25.06 16.85 -3.20
N PRO A 112 -24.79 17.84 -4.06
CA PRO A 112 -25.29 17.72 -5.44
C PRO A 112 -24.52 16.75 -6.34
N ASP A 113 -25.21 16.19 -7.34
CA ASP A 113 -24.53 15.31 -8.31
C ASP A 113 -23.52 16.07 -9.15
N GLU A 114 -22.38 15.41 -9.41
CA GLU A 114 -21.44 15.83 -10.47
C GLU A 114 -21.15 17.33 -10.45
N HIS A 115 -20.68 17.80 -9.31
CA HIS A 115 -20.61 19.21 -8.98
C HIS A 115 -19.20 19.67 -8.59
N PHE A 116 -18.48 18.83 -7.86
CA PHE A 116 -17.20 19.23 -7.32
C PHE A 116 -16.02 18.80 -8.16
N HIS A 117 -15.02 19.66 -8.24
CA HIS A 117 -13.80 19.32 -8.95
C HIS A 117 -12.83 18.53 -8.07
N HIS A 118 -12.96 18.72 -6.77
CA HIS A 118 -12.14 18.04 -5.75
C HIS A 118 -13.01 17.64 -4.59
N VAL A 119 -12.79 16.44 -4.05
CA VAL A 119 -13.38 16.08 -2.76
C VAL A 119 -12.24 15.59 -1.88
N ILE A 120 -12.11 16.20 -0.71
CA ILE A 120 -11.04 15.84 0.23
C ILE A 120 -11.65 15.24 1.50
N ASN A 122 -10.70 13.10 5.51
CA ASN A 122 -9.88 12.42 6.52
C ASN A 122 -10.81 11.74 7.51
N PRO A 123 -11.38 10.58 7.16
CA PRO A 123 -12.40 10.09 8.08
C PRO A 123 -11.83 9.64 9.40
N PRO A 124 -12.68 9.60 10.45
CA PRO A 124 -12.20 9.15 11.76
C PRO A 124 -11.91 7.67 11.77
N TYR A 125 -11.05 7.26 12.69
CA TYR A 125 -10.63 5.84 12.80
C TYR A 125 -11.60 4.97 13.60
N GLY A 147 -15.74 0.36 8.67
CA GLY A 147 -15.19 1.69 8.39
C GLY A 147 -16.07 2.57 7.49
N LEU A 148 -15.66 3.83 7.36
CA LEU A 148 -16.49 4.78 6.64
C LEU A 148 -16.10 4.93 5.17
N PHE A 149 -15.00 4.31 4.76
CA PHE A 149 -14.50 4.61 3.40
C PHE A 149 -15.47 4.26 2.29
N GLU A 150 -16.11 3.10 2.41
CA GLU A 150 -17.11 2.73 1.40
C GLU A 150 -18.18 3.84 1.27
N ASP A 151 -18.79 4.24 2.37
CA ASP A 151 -19.86 5.26 2.33
C ASP A 151 -19.34 6.58 1.80
N TRP A 152 -18.18 7.01 2.31
CA TRP A 152 -17.72 8.37 2.00
C TRP A 152 -17.20 8.44 0.55
N ILE A 153 -16.53 7.38 0.09
CA ILE A 153 -15.99 7.41 -1.30
C ILE A 153 -17.14 7.24 -2.30
N ARG A 154 -18.17 6.46 -1.91
CA ARG A 154 -19.37 6.37 -2.75
C ARG A 154 -19.99 7.77 -2.95
N THR A 155 -20.13 8.50 -1.86
CA THR A 155 -20.60 9.91 -1.93
C THR A 155 -19.65 10.78 -2.74
N ALA A 156 -18.35 10.66 -2.49
CA ALA A 156 -17.37 11.48 -3.21
C ALA A 156 -17.51 11.29 -4.71
N SER A 157 -17.67 10.03 -5.16
CA SER A 157 -17.86 9.74 -6.59
C SER A 157 -19.12 10.41 -7.11
N ALA A 158 -20.22 10.29 -6.37
CA ALA A 158 -21.48 10.82 -6.84
C ALA A 158 -21.48 12.34 -7.00
N ILE A 159 -20.80 13.05 -6.08
CA ILE A 159 -20.84 14.51 -6.08
C ILE A 159 -19.72 15.14 -6.94
N VAL A 161 -17.50 15.92 -10.41
CA VAL A 161 -17.52 16.03 -11.88
C VAL A 161 -16.67 14.90 -12.48
N SER A 162 -17.00 14.57 -13.73
CA SER A 162 -16.21 13.59 -14.48
CA SER A 162 -16.22 13.59 -14.49
C SER A 162 -14.75 13.99 -14.44
N GLY A 163 -13.89 13.02 -14.08
CA GLY A 163 -12.44 13.25 -14.00
C GLY A 163 -11.95 14.07 -12.83
N GLY A 164 -12.85 14.38 -11.87
CA GLY A 164 -12.47 15.15 -10.68
C GLY A 164 -11.58 14.33 -9.76
N GLN A 165 -10.94 14.99 -8.80
CA GLN A 165 -9.94 14.32 -7.99
C GLN A 165 -10.41 14.05 -6.56
N LEU A 166 -10.30 12.78 -6.14
CA LEU A 166 -10.44 12.40 -4.74
C LEU A 166 -9.06 12.57 -4.04
N SER A 167 -9.06 13.21 -2.89
CA SER A 167 -7.85 13.30 -2.02
C SER A 167 -8.18 12.86 -0.59
N LEU A 168 -7.31 12.07 0.00
CA LEU A 168 -7.56 11.64 1.36
C LEU A 168 -6.24 11.36 2.08
N ILE A 169 -6.32 11.43 3.40
CA ILE A 169 -5.21 10.98 4.26
C ILE A 169 -5.77 9.97 5.25
N SER A 170 -4.99 8.94 5.57
N SER A 170 -4.99 8.94 5.57
CA SER A 170 -5.43 7.89 6.49
CA SER A 170 -5.42 7.95 6.53
C SER A 170 -4.23 7.27 7.19
C SER A 170 -4.23 7.18 7.07
N ARG A 171 -4.50 6.27 8.01
CA ARG A 171 -3.46 5.36 8.48
C ARG A 171 -3.16 4.36 7.36
N PRO A 172 -1.90 3.85 7.28
CA PRO A 172 -1.55 2.87 6.24
C PRO A 172 -2.39 1.61 6.30
N GLN A 173 -2.86 1.21 7.49
N GLN A 173 -2.83 1.22 7.49
CA GLN A 173 -3.65 -0.02 7.60
CA GLN A 173 -3.62 0.00 7.62
C GLN A 173 -5.02 0.06 6.95
C GLN A 173 -4.95 0.04 6.85
N SER A 174 -5.41 1.23 6.45
CA SER A 174 -6.70 1.38 5.76
C SER A 174 -6.59 1.07 4.27
N VAL A 175 -5.40 0.67 3.81
CA VAL A 175 -5.18 0.66 2.34
C VAL A 175 -6.16 -0.27 1.62
N ALA A 176 -6.42 -1.45 2.18
CA ALA A 176 -7.35 -2.39 1.51
C ALA A 176 -8.77 -1.82 1.43
N GLU A 177 -9.22 -1.21 2.52
N GLU A 177 -9.25 -1.21 2.50
CA GLU A 177 -10.55 -0.63 2.60
CA GLU A 177 -10.61 -0.67 2.53
C GLU A 177 -10.68 0.45 1.54
C GLU A 177 -10.72 0.50 1.56
N ILE A 178 -9.64 1.27 1.43
CA ILE A 178 -9.62 2.39 0.47
C ILE A 178 -9.67 1.92 -0.97
N ILE A 179 -8.81 0.94 -1.31
CA ILE A 179 -8.81 0.43 -2.67
C ILE A 179 -10.18 -0.19 -3.00
N ALA A 180 -10.76 -0.98 -2.06
CA ALA A 180 -12.10 -1.58 -2.33
C ALA A 180 -13.16 -0.51 -2.55
N ALA A 181 -13.12 0.54 -1.73
CA ALA A 181 -14.08 1.66 -1.83
C ALA A 181 -13.96 2.42 -3.15
N CYS A 182 -12.76 2.48 -3.73
CA CYS A 182 -12.57 3.13 -5.04
C CYS A 182 -13.07 2.32 -6.24
N GLY A 183 -13.26 1.01 -6.07
CA GLY A 183 -13.68 0.11 -7.17
C GLY A 183 -14.87 0.65 -7.96
N SER A 184 -14.71 0.69 -9.29
CA SER A 184 -15.78 1.15 -10.18
C SER A 184 -16.22 2.60 -9.93
N ARG A 185 -15.29 3.38 -9.38
CA ARG A 185 -15.59 4.77 -9.08
C ARG A 185 -14.38 5.69 -9.40
N PHE A 186 -13.24 5.38 -8.79
CA PHE A 186 -11.99 6.12 -8.94
C PHE A 186 -10.88 5.19 -9.36
N GLY A 187 -10.03 5.68 -10.27
CA GLY A 187 -8.82 4.92 -10.69
C GLY A 187 -7.61 5.84 -10.70
N GLY A 188 -6.52 5.36 -11.29
CA GLY A 188 -5.25 6.06 -11.23
C GLY A 188 -4.88 6.41 -9.79
N LEU A 189 -5.11 5.51 -8.84
CA LEU A 189 -4.77 5.83 -7.44
C LEU A 189 -3.28 6.09 -7.36
N GLU A 190 -2.92 7.13 -6.61
CA GLU A 190 -1.51 7.39 -6.26
C GLU A 190 -1.44 7.34 -4.74
N ILE A 191 -0.64 6.41 -4.22
CA ILE A 191 -0.51 6.23 -2.82
C ILE A 191 0.85 6.72 -2.40
N THR A 192 0.89 7.66 -1.46
CA THR A 192 2.17 8.16 -0.94
C THR A 192 2.24 7.88 0.57
N LEU A 193 3.11 6.95 0.96
CA LEU A 193 3.30 6.64 2.37
C LEU A 193 4.10 7.78 3.02
N ILE A 194 3.79 8.05 4.28
CA ILE A 194 4.50 9.07 5.05
C ILE A 194 5.23 8.40 6.20
N HIS A 195 6.56 8.54 6.21
CA HIS A 195 7.40 7.95 7.25
C HIS A 195 8.03 9.05 8.11
N PRO A 196 8.12 8.86 9.44
CA PRO A 196 8.69 9.94 10.29
C PRO A 196 10.14 10.29 9.96
N ARG A 197 10.93 9.27 9.63
CA ARG A 197 12.37 9.45 9.40
C ARG A 197 12.87 8.15 8.74
N PRO A 198 14.07 8.20 8.16
CA PRO A 198 14.61 7.05 7.43
C PRO A 198 14.61 5.78 8.28
N GLY A 199 14.16 4.67 7.68
CA GLY A 199 14.22 3.37 8.34
C GLY A 199 12.97 3.01 9.12
N GLU A 200 12.12 4.00 9.41
CA GLU A 200 10.98 3.79 10.30
C GLU A 200 9.73 3.42 9.51
N ASP A 201 8.81 2.70 10.16
CA ASP A 201 7.55 2.33 9.48
C ASP A 201 6.69 3.55 9.11
N ALA A 202 5.84 3.39 8.10
CA ALA A 202 4.90 4.48 7.67
C ALA A 202 3.89 4.73 8.83
N VAL A 203 3.57 6.02 9.04
CA VAL A 203 2.58 6.41 10.06
C VAL A 203 1.29 6.98 9.43
N ARG A 204 1.39 7.47 8.20
CA ARG A 204 0.22 8.00 7.50
C ARG A 204 0.34 7.65 6.03
N LEU A 206 -1.11 9.17 2.10
CA LEU A 206 -1.91 10.08 1.26
C LEU A 206 -2.39 9.24 0.06
N VAL A 207 -3.62 9.49 -0.40
CA VAL A 207 -4.12 8.82 -1.59
C VAL A 207 -4.86 9.84 -2.42
N THR A 208 -4.53 9.90 -3.70
CA THR A 208 -5.37 10.68 -4.64
C THR A 208 -5.85 9.76 -5.77
N ALA A 209 -6.98 10.10 -6.40
CA ALA A 209 -7.48 9.25 -7.48
C ALA A 209 -8.35 10.11 -8.36
N ILE A 210 -8.68 9.60 -9.55
CA ILE A 210 -9.37 10.41 -10.56
C ILE A 210 -10.66 9.67 -10.90
N LYS A 211 -11.80 10.36 -10.78
CA LYS A 211 -13.07 9.73 -11.11
C LYS A 211 -13.07 9.25 -12.57
N GLY A 212 -13.38 7.97 -12.76
CA GLY A 212 -13.54 7.37 -14.11
C GLY A 212 -12.24 6.87 -14.75
N SER A 213 -11.09 7.16 -14.13
CA SER A 213 -9.82 6.69 -14.67
C SER A 213 -9.73 5.17 -14.60
N ARG A 214 -9.11 4.58 -15.63
N ARG A 214 -9.12 4.58 -15.62
CA ARG A 214 -8.87 3.15 -15.70
CA ARG A 214 -8.87 3.14 -15.67
C ARG A 214 -7.48 2.75 -15.21
C ARG A 214 -7.40 2.77 -15.44
N ALA A 215 -6.62 3.73 -14.95
CA ALA A 215 -5.20 3.49 -14.66
C ALA A 215 -5.04 2.66 -13.39
N ARG A 216 -4.09 1.74 -13.41
N ARG A 216 -4.08 1.75 -13.40
CA ARG A 216 -3.81 0.93 -12.23
CA ARG A 216 -3.79 0.91 -12.24
C ARG A 216 -3.19 1.81 -11.15
C ARG A 216 -3.06 1.75 -11.18
N LEU A 217 -3.14 1.29 -9.93
CA LEU A 217 -2.57 2.05 -8.84
C LEU A 217 -1.04 2.17 -8.93
N THR A 218 -0.52 3.25 -8.32
N THR A 218 -0.54 3.24 -8.30
CA THR A 218 0.92 3.41 -8.21
CA THR A 218 0.87 3.53 -8.20
C THR A 218 1.24 3.88 -6.79
C THR A 218 1.20 3.87 -6.74
N PHE A 219 2.37 3.42 -6.28
CA PHE A 219 2.93 3.94 -5.02
C PHE A 219 4.00 4.98 -5.41
N ARG A 220 3.76 6.24 -5.08
CA ARG A 220 4.76 7.31 -5.27
C ARG A 220 5.94 7.09 -4.31
N ALA A 221 7.07 7.75 -4.61
CA ALA A 221 8.17 7.79 -3.65
C ALA A 221 7.61 8.34 -2.31
N PRO A 222 8.03 7.74 -1.18
CA PRO A 222 7.42 8.14 0.11
C PRO A 222 7.86 9.53 0.54
N LEU A 223 7.07 10.14 1.45
CA LEU A 223 7.45 11.40 2.06
C LEU A 223 8.08 11.08 3.41
N ILE A 224 9.27 11.59 3.67
CA ILE A 224 9.96 11.33 4.93
C ILE A 224 9.90 12.66 5.69
N HIS A 226 11.35 13.82 8.55
CA HIS A 226 12.62 14.35 9.11
C HIS A 226 13.82 13.62 8.57
N GLU A 227 14.96 14.30 8.45
CA GLU A 227 16.20 13.59 8.21
C GLU A 227 16.60 12.88 9.50
N THR A 228 17.39 11.82 9.38
CA THR A 228 17.99 11.17 10.54
C THR A 228 18.75 12.20 11.40
N GLY A 229 18.49 12.19 12.71
CA GLY A 229 19.21 13.03 13.65
C GLY A 229 18.82 14.50 13.57
N SER A 230 17.73 14.80 12.85
CA SER A 230 17.28 16.18 12.74
C SER A 230 15.89 16.39 13.30
N HIS A 231 15.73 17.44 14.10
CA HIS A 231 14.43 17.76 14.69
C HIS A 231 13.52 18.45 13.73
N ALA A 232 14.07 19.25 12.81
CA ALA A 232 13.26 20.02 11.83
C ALA A 232 12.58 19.10 10.81
N PHE A 233 11.52 19.59 10.17
CA PHE A 233 10.98 18.86 9.03
C PHE A 233 11.89 19.04 7.83
N THR A 234 11.90 18.06 6.95
CA THR A 234 12.60 18.13 5.68
C THR A 234 12.00 19.30 4.88
N PRO A 235 12.83 19.97 4.07
CA PRO A 235 12.40 21.13 3.27
C PRO A 235 11.05 21.00 2.55
N PHE A 236 10.83 19.91 1.80
CA PHE A 236 9.58 19.75 1.03
C PHE A 236 8.38 19.60 1.96
N VAL A 237 8.51 18.71 2.94
CA VAL A 237 7.46 18.53 3.96
C VAL A 237 7.19 19.83 4.73
N ASP A 238 8.24 20.57 5.06
CA ASP A 238 8.07 21.86 5.71
C ASP A 238 7.22 22.88 4.86
N ASP A 239 7.52 22.97 3.57
CA ASP A 239 6.72 23.80 2.66
C ASP A 239 5.26 23.36 2.60
N LEU A 240 5.02 22.06 2.56
CA LEU A 240 3.65 21.52 2.57
C LEU A 240 2.94 21.89 3.87
N ASN A 241 3.64 21.70 4.98
CA ASN A 241 3.06 21.98 6.29
CA ASN A 241 3.12 22.00 6.32
C ASN A 241 2.71 23.44 6.51
N ASN A 242 3.41 24.36 5.83
CA ASN A 242 3.17 25.78 5.96
C ASN A 242 2.35 26.44 4.84
N GLY A 243 1.72 25.64 3.99
CA GLY A 243 0.95 26.17 2.86
C GLY A 243 1.80 26.82 1.77
N ARG A 244 3.09 26.53 1.73
CA ARG A 244 3.97 27.15 0.74
C ARG A 244 4.10 26.37 -0.56
N ALA A 245 3.53 25.16 -0.58
CA ALA A 245 3.61 24.28 -1.74
C ALA A 245 2.46 23.27 -1.78
N ALA A 246 2.21 22.77 -2.98
CA ALA A 246 1.27 21.67 -3.19
C ALA A 246 2.06 20.41 -3.49
N TYR A 247 1.42 19.27 -3.32
CA TYR A 247 2.02 18.01 -3.72
C TYR A 247 1.18 17.43 -4.86
N ALA A 248 1.70 17.52 -6.08
CA ALA A 248 0.93 17.23 -7.29
C ALA A 248 1.02 15.75 -7.69
N ARG A 249 0.03 15.30 -8.46
CA ARG A 249 0.07 13.94 -9.03
C ARG A 249 1.15 13.87 -10.10
N ASN A 250 1.50 12.66 -10.52
CA ASN A 250 2.50 12.51 -11.59
C ASN A 250 2.10 13.21 -12.88
N VAL A 251 0.82 13.18 -13.23
CA VAL A 251 0.33 13.82 -14.48
C VAL A 251 -0.93 14.70 -14.31
N ASP B 24 14.49 -10.10 -8.70
CA ASP B 24 13.32 -10.52 -7.91
C ASP B 24 13.71 -11.70 -7.00
N ALA B 25 14.43 -12.67 -7.58
CA ALA B 25 14.77 -13.88 -6.80
C ALA B 25 15.68 -13.55 -5.65
N LEU B 27 15.99 -10.63 -4.02
CA LEU B 27 15.23 -9.87 -3.02
C LEU B 27 14.30 -10.79 -2.24
N LEU B 28 13.61 -11.65 -2.97
CA LEU B 28 12.72 -12.62 -2.32
C LEU B 28 13.48 -13.53 -1.34
N ALA B 29 14.58 -14.13 -1.79
CA ALA B 29 15.37 -15.00 -0.96
C ALA B 29 15.86 -14.29 0.32
N SER B 30 16.15 -12.99 0.22
CA SER B 30 16.72 -12.25 1.35
C SER B 30 15.72 -12.15 2.50
N LEU B 31 14.44 -12.39 2.24
CA LEU B 31 13.42 -12.35 3.30
C LEU B 31 13.48 -13.50 4.30
N VAL B 32 14.18 -14.57 3.95
CA VAL B 32 14.33 -15.69 4.88
C VAL B 32 15.50 -15.39 5.81
N ALA B 33 15.18 -14.84 6.98
CA ALA B 33 16.18 -14.45 7.98
C ALA B 33 16.09 -15.43 9.13
N ASP B 34 16.72 -16.58 9.01
CA ASP B 34 16.50 -17.69 9.91
C ASP B 34 17.81 -18.46 9.94
N ASP B 35 18.37 -18.66 11.13
CA ASP B 35 19.63 -19.39 11.22
CA ASP B 35 19.64 -19.36 11.29
C ASP B 35 19.50 -20.83 11.74
N ARG B 36 18.26 -21.33 11.83
CA ARG B 36 18.02 -22.73 12.22
C ARG B 36 18.09 -23.65 11.03
N ALA B 37 18.19 -24.95 11.31
CA ALA B 37 17.82 -25.93 10.34
C ALA B 37 16.35 -25.60 10.13
N CYS B 38 15.98 -25.41 8.88
CA CYS B 38 14.60 -25.04 8.59
C CYS B 38 14.28 -25.60 7.24
N ARG B 39 12.98 -25.72 6.99
CA ARG B 39 12.49 -26.30 5.76
C ARG B 39 11.76 -25.19 5.02
N ILE B 40 12.13 -25.01 3.76
CA ILE B 40 11.60 -23.90 2.96
C ILE B 40 10.97 -24.44 1.69
N ALA B 41 9.74 -24.01 1.39
CA ALA B 41 9.09 -24.34 0.12
C ALA B 41 9.13 -23.13 -0.80
N ASP B 42 9.54 -23.34 -2.06
CA ASP B 42 9.51 -22.30 -3.09
C ASP B 42 8.40 -22.72 -4.04
N LEU B 43 7.29 -21.98 -4.03
CA LEU B 43 6.10 -22.36 -4.79
C LEU B 43 6.24 -21.95 -6.23
N GLY B 44 7.29 -21.15 -6.43
N GLY B 44 7.26 -21.17 -6.54
CA GLY B 44 8.06 -21.09 -7.65
CA GLY B 44 7.40 -20.75 -7.90
C GLY B 44 7.41 -20.67 -8.92
C GLY B 44 7.19 -19.27 -8.11
N ALA B 45 7.46 -19.38 -9.20
N ALA B 45 6.57 -19.04 -9.28
CA ALA B 45 7.30 -18.96 -10.57
CA ALA B 45 7.28 -18.85 -10.57
C ALA B 45 8.73 -18.65 -10.95
C ALA B 45 8.82 -18.90 -10.65
N GLY B 46 9.31 -19.57 -11.68
CA GLY B 46 10.71 -19.56 -12.04
C GLY B 46 11.26 -20.96 -12.05
N ALA B 47 12.57 -21.05 -12.10
CA ALA B 47 13.25 -22.31 -12.23
C ALA B 47 14.06 -22.54 -10.95
N GLY B 48 13.48 -22.10 -9.84
CA GLY B 48 14.11 -22.21 -8.51
C GLY B 48 15.21 -21.22 -8.11
N ALA B 49 15.37 -20.12 -8.85
CA ALA B 49 16.41 -19.15 -8.54
C ALA B 49 16.31 -18.61 -7.10
N ALA B 50 15.09 -18.37 -6.63
CA ALA B 50 14.91 -17.81 -5.26
C ALA B 50 15.33 -18.87 -4.23
N GLY B 51 14.76 -20.07 -4.35
CA GLY B 51 15.13 -21.17 -3.42
C GLY B 51 16.61 -21.46 -3.45
N ALA B 53 19.01 -19.26 -4.11
CA ALA B 53 19.67 -18.15 -3.43
C ALA B 53 19.54 -18.28 -1.91
N VAL B 54 18.39 -18.76 -1.44
CA VAL B 54 18.21 -19.04 0.00
C VAL B 54 19.23 -20.12 0.43
N ALA B 55 19.29 -21.23 -0.30
CA ALA B 55 20.18 -22.35 0.07
C ALA B 55 21.65 -21.95 0.04
N ALA B 56 22.02 -21.10 -0.91
CA ALA B 56 23.40 -20.65 -1.05
C ALA B 56 23.84 -19.87 0.19
N ARG B 57 22.94 -19.06 0.75
CA ARG B 57 23.24 -18.21 1.91
C ARG B 57 23.10 -18.96 3.25
N LEU B 58 22.09 -19.83 3.33
CA LEU B 58 21.73 -20.50 4.57
C LEU B 58 22.11 -21.98 4.54
N GLU B 59 23.26 -22.30 5.13
CA GLU B 59 23.80 -23.65 5.02
C GLU B 59 22.91 -24.73 5.63
N LYS B 60 22.09 -24.33 6.59
CA LYS B 60 21.22 -25.25 7.31
C LYS B 60 19.81 -25.39 6.69
N ALA B 61 19.54 -24.64 5.62
CA ALA B 61 18.21 -24.69 5.03
C ALA B 61 18.03 -25.91 4.15
N GLU B 62 16.83 -26.45 4.15
N GLU B 62 16.84 -26.51 4.23
CA GLU B 62 16.50 -27.60 3.33
CA GLU B 62 16.40 -27.66 3.44
C GLU B 62 15.37 -27.11 2.46
C GLU B 62 15.37 -27.06 2.47
N VAL B 63 15.63 -27.04 1.16
CA VAL B 63 14.71 -26.38 0.23
C VAL B 63 13.95 -27.34 -0.67
N THR B 64 12.64 -27.12 -0.83
CA THR B 64 11.85 -27.88 -1.77
C THR B 64 11.32 -26.92 -2.82
N LEU B 65 11.66 -27.19 -4.07
CA LEU B 65 11.18 -26.37 -5.19
CA LEU B 65 11.20 -26.40 -5.20
C LEU B 65 9.99 -27.06 -5.83
N TYR B 66 8.86 -26.35 -5.94
CA TYR B 66 7.69 -26.91 -6.61
C TYR B 66 7.48 -26.33 -7.99
N GLU B 67 7.30 -27.20 -8.97
CA GLU B 67 7.02 -26.81 -10.36
C GLU B 67 5.75 -27.52 -10.82
N ARG B 68 4.88 -26.83 -11.54
CA ARG B 68 3.68 -27.51 -12.05
C ARG B 68 4.02 -28.52 -13.16
N SER B 69 4.86 -28.12 -14.10
CA SER B 69 5.08 -28.98 -15.24
C SER B 69 6.34 -29.83 -15.14
N GLN B 70 6.27 -31.01 -15.74
CA GLN B 70 7.43 -31.87 -15.92
C GLN B 70 8.60 -31.13 -16.59
N GLU B 71 8.33 -30.35 -17.64
N GLU B 71 8.27 -30.36 -17.62
CA GLU B 71 9.41 -29.62 -18.34
CA GLU B 71 9.21 -29.58 -18.40
C GLU B 71 10.10 -28.67 -17.40
C GLU B 71 10.03 -28.64 -17.50
N ALA B 73 10.24 -28.79 -14.13
CA ALA B 73 10.93 -29.54 -13.08
C ALA B 73 12.28 -30.02 -13.64
N GLU B 74 12.22 -30.60 -14.84
N GLU B 74 12.25 -30.56 -14.85
CA GLU B 74 13.41 -31.07 -15.57
CA GLU B 74 13.49 -31.07 -15.47
C GLU B 74 14.41 -29.92 -15.67
C GLU B 74 14.47 -29.97 -15.84
N PHE B 75 13.95 -28.79 -16.20
CA PHE B 75 14.80 -27.62 -16.39
C PHE B 75 15.47 -27.19 -15.08
N ALA B 76 14.70 -27.10 -14.00
CA ALA B 76 15.23 -26.74 -12.68
C ALA B 76 16.31 -27.74 -12.23
N ARG B 77 16.03 -29.04 -12.42
CA ARG B 77 17.00 -30.08 -12.04
C ARG B 77 18.30 -29.94 -12.82
N ARG B 78 18.21 -29.63 -14.12
CA ARG B 78 19.41 -29.39 -14.94
C ARG B 78 20.22 -28.20 -14.40
N SER B 79 19.52 -27.12 -14.01
CA SER B 79 20.15 -25.91 -13.44
C SER B 79 20.91 -26.24 -12.18
N LEU B 80 20.30 -27.07 -11.34
CA LEU B 80 20.91 -27.50 -10.10
C LEU B 80 22.25 -28.20 -10.29
N GLU B 81 22.44 -28.84 -11.45
CA GLU B 81 23.65 -29.59 -11.77
C GLU B 81 24.82 -28.73 -12.26
N LEU B 82 24.53 -27.49 -12.63
CA LEU B 82 25.57 -26.55 -13.01
C LEU B 82 26.61 -26.44 -11.88
N PRO B 83 27.90 -26.37 -12.24
CA PRO B 83 28.92 -26.54 -11.21
C PRO B 83 28.95 -25.39 -10.20
N ASP B 84 28.48 -24.22 -10.63
CA ASP B 84 28.36 -23.07 -9.74
C ASP B 84 27.31 -23.25 -8.65
N ASN B 85 26.46 -24.27 -8.79
CA ASN B 85 25.41 -24.56 -7.79
C ASN B 85 25.73 -25.78 -6.92
N ALA B 86 26.84 -26.44 -7.20
CA ALA B 86 27.17 -27.71 -6.56
C ALA B 86 27.38 -27.63 -5.06
N ALA B 87 27.77 -26.47 -4.54
CA ALA B 87 28.00 -26.33 -3.10
C ALA B 87 26.72 -26.53 -2.25
N PHE B 88 25.55 -26.23 -2.82
CA PHE B 88 24.30 -26.27 -2.04
C PHE B 88 23.20 -27.12 -2.68
N SER B 89 23.43 -27.60 -3.90
CA SER B 89 22.40 -28.29 -4.66
C SER B 89 21.84 -29.55 -3.97
N ALA B 90 22.66 -30.20 -3.13
CA ALA B 90 22.23 -31.40 -2.42
C ALA B 90 21.06 -31.10 -1.50
N ARG B 91 20.93 -29.85 -1.09
CA ARG B 91 19.89 -29.43 -0.16
C ARG B 91 18.63 -28.92 -0.85
N ILE B 92 18.55 -29.10 -2.18
CA ILE B 92 17.42 -28.61 -2.95
C ILE B 92 16.74 -29.79 -3.65
N GLU B 93 15.48 -29.98 -3.34
CA GLU B 93 14.73 -31.07 -3.94
C GLU B 93 13.71 -30.45 -4.87
N VAL B 94 13.59 -30.93 -6.11
CA VAL B 94 12.62 -30.38 -7.03
C VAL B 94 11.48 -31.38 -7.15
N LEU B 95 10.26 -30.91 -6.89
CA LEU B 95 9.06 -31.74 -7.01
C LEU B 95 8.10 -31.17 -8.02
N GLU B 96 7.47 -32.07 -8.77
CA GLU B 96 6.37 -31.70 -9.65
C GLU B 96 5.07 -31.67 -8.85
N ALA B 97 4.42 -30.52 -8.77
CA ALA B 97 3.14 -30.42 -8.07
C ALA B 97 2.39 -29.19 -8.49
N ASP B 98 1.09 -29.33 -8.65
CA ASP B 98 0.22 -28.21 -8.90
C ASP B 98 -0.08 -27.57 -7.53
N VAL B 99 0.44 -26.36 -7.32
CA VAL B 99 0.35 -25.70 -5.99
C VAL B 99 -1.02 -25.10 -5.69
N THR B 100 -1.96 -25.25 -6.64
CA THR B 100 -3.33 -24.82 -6.43
C THR B 100 -4.23 -25.98 -5.98
N LEU B 101 -3.67 -27.18 -5.93
CA LEU B 101 -4.40 -28.37 -5.43
C LEU B 101 -4.87 -28.14 -4.00
N ARG B 102 -5.96 -28.81 -3.64
CA ARG B 102 -6.55 -28.67 -2.31
C ARG B 102 -6.57 -29.99 -1.57
N ALA B 103 -6.77 -29.90 -0.26
CA ALA B 103 -7.05 -31.06 0.59
C ALA B 103 -6.13 -32.25 0.32
N LYS B 104 -6.72 -33.43 0.13
CA LYS B 104 -5.96 -34.67 0.00
C LYS B 104 -5.17 -34.77 -1.31
N ALA B 105 -5.73 -34.21 -2.38
CA ALA B 105 -5.04 -34.11 -3.67
C ALA B 105 -3.72 -33.37 -3.47
N ARG B 106 -3.76 -32.30 -2.69
CA ARG B 106 -2.58 -31.48 -2.40
C ARG B 106 -1.50 -32.31 -1.70
N VAL B 107 -1.88 -33.01 -0.64
CA VAL B 107 -0.97 -33.88 0.10
C VAL B 107 -0.38 -34.98 -0.79
N GLU B 108 -1.23 -35.63 -1.60
CA GLU B 108 -0.81 -36.69 -2.51
C GLU B 108 0.23 -36.18 -3.51
N ALA B 109 0.08 -34.92 -3.93
CA ALA B 109 0.99 -34.27 -4.87
C ALA B 109 2.36 -33.92 -4.28
N GLY B 110 2.50 -34.10 -2.96
CA GLY B 110 3.79 -33.91 -2.30
C GLY B 110 3.88 -32.55 -1.62
N LEU B 111 2.73 -31.98 -1.29
CA LEU B 111 2.65 -30.72 -0.53
C LEU B 111 2.08 -31.03 0.86
N PRO B 112 2.94 -31.40 1.82
CA PRO B 112 2.47 -31.92 3.11
C PRO B 112 1.87 -30.84 4.02
N ASP B 113 0.89 -31.24 4.84
CA ASP B 113 0.28 -30.32 5.80
C ASP B 113 1.29 -29.88 6.86
N GLU B 114 1.31 -28.56 7.14
CA GLU B 114 1.98 -28.02 8.32
C GLU B 114 3.40 -28.56 8.50
N HIS B 115 4.20 -28.35 7.47
CA HIS B 115 5.52 -28.96 7.38
C HIS B 115 6.64 -27.92 7.26
N PHE B 116 6.36 -26.79 6.60
CA PHE B 116 7.42 -25.84 6.23
C PHE B 116 7.50 -24.67 7.20
N HIS B 117 8.74 -24.25 7.50
CA HIS B 117 8.98 -23.06 8.33
C HIS B 117 8.83 -21.77 7.52
N HIS B 118 9.06 -21.87 6.22
CA HIS B 118 8.97 -20.73 5.31
C HIS B 118 8.35 -21.20 4.02
N VAL B 119 7.48 -20.37 3.46
CA VAL B 119 7.05 -20.55 2.08
C VAL B 119 7.33 -19.26 1.35
N ILE B 120 8.03 -19.36 0.23
CA ILE B 120 8.35 -18.22 -0.60
C ILE B 120 7.71 -18.30 -1.98
N ASN B 122 6.89 -16.02 -5.92
CA ASN B 122 6.88 -14.91 -6.86
C ASN B 122 5.94 -15.29 -8.00
N PRO B 123 4.61 -15.22 -7.76
CA PRO B 123 3.71 -15.76 -8.79
C PRO B 123 3.77 -14.95 -10.08
N PRO B 124 3.54 -15.61 -11.21
CA PRO B 124 3.68 -15.01 -12.52
C PRO B 124 2.59 -13.96 -12.78
N TYR B 125 2.87 -12.96 -13.61
N TYR B 125 2.88 -13.03 -13.69
CA TYR B 125 1.89 -11.87 -13.82
CA TYR B 125 1.87 -12.17 -14.30
C TYR B 125 0.76 -12.27 -14.79
C TYR B 125 1.78 -12.47 -15.80
N GLY B 147 -7.52 -14.98 -8.99
CA GLY B 147 -7.54 -16.27 -8.32
C GLY B 147 -6.18 -16.76 -7.86
N LEU B 148 -5.10 -16.25 -8.46
CA LEU B 148 -3.77 -16.86 -8.23
C LEU B 148 -3.25 -16.66 -6.82
N PHE B 149 -3.26 -15.41 -6.35
CA PHE B 149 -2.80 -15.17 -4.98
C PHE B 149 -3.63 -15.94 -3.96
N GLU B 150 -4.95 -15.92 -4.14
CA GLU B 150 -5.83 -16.72 -3.30
C GLU B 150 -5.42 -18.21 -3.26
N ASP B 151 -5.27 -18.82 -4.43
CA ASP B 151 -4.87 -20.25 -4.49
C ASP B 151 -3.50 -20.51 -3.84
N TRP B 152 -2.50 -19.74 -4.25
CA TRP B 152 -1.14 -19.96 -3.76
C TRP B 152 -0.99 -19.69 -2.27
N ILE B 153 -1.63 -18.63 -1.76
CA ILE B 153 -1.56 -18.32 -0.34
C ILE B 153 -2.41 -19.30 0.50
N ARG B 154 -3.54 -19.79 -0.04
CA ARG B 154 -4.26 -20.90 0.60
C ARG B 154 -3.32 -22.11 0.78
N THR B 155 -2.62 -22.49 -0.29
CA THR B 155 -1.63 -23.59 -0.20
C THR B 155 -0.52 -23.26 0.79
N ALA B 156 0.02 -22.04 0.73
CA ALA B 156 1.13 -21.64 1.62
C ALA B 156 0.72 -21.84 3.07
N SER B 157 -0.49 -21.42 3.41
CA SER B 157 -1.01 -21.60 4.76
C SER B 157 -1.13 -23.10 5.10
N ALA B 158 -1.66 -23.91 4.20
CA ALA B 158 -1.88 -25.33 4.51
C ALA B 158 -0.58 -26.09 4.81
N ILE B 159 0.49 -25.72 4.11
CA ILE B 159 1.76 -26.47 4.18
C ILE B 159 2.73 -25.90 5.21
N VAL B 161 3.98 -24.73 9.02
CA VAL B 161 3.85 -24.96 10.45
C VAL B 161 3.22 -23.71 11.09
N SER B 162 2.59 -23.90 12.25
N SER B 162 2.59 -23.89 12.25
CA SER B 162 2.03 -22.79 13.01
CA SER B 162 1.99 -22.76 12.97
C SER B 162 3.11 -21.71 13.23
C SER B 162 3.07 -21.72 13.25
N GLY B 163 2.75 -20.46 12.98
CA GLY B 163 3.68 -19.34 13.17
C GLY B 163 4.75 -19.21 12.08
N GLY B 164 4.70 -20.02 11.02
CA GLY B 164 5.74 -20.00 9.97
C GLY B 164 5.56 -18.73 9.12
N GLN B 165 6.54 -18.43 8.28
CA GLN B 165 6.58 -17.16 7.59
C GLN B 165 6.32 -17.32 6.09
N LEU B 166 5.35 -16.54 5.60
CA LEU B 166 5.12 -16.36 4.18
C LEU B 166 6.01 -15.20 3.68
N SER B 167 6.74 -15.41 2.58
CA SER B 167 7.48 -14.34 1.93
C SER B 167 7.12 -14.27 0.46
N LEU B 168 6.93 -13.06 -0.04
CA LEU B 168 6.63 -12.92 -1.45
C LEU B 168 7.13 -11.63 -2.05
N ILE B 169 7.28 -11.66 -3.38
CA ILE B 169 7.56 -10.44 -4.13
C ILE B 169 6.52 -10.34 -5.24
N SER B 170 6.10 -9.11 -5.54
CA SER B 170 5.08 -8.89 -6.56
CA SER B 170 5.11 -8.90 -6.59
C SER B 170 5.20 -7.46 -7.08
N ARG B 171 4.34 -7.12 -8.06
N ARG B 171 4.36 -7.10 -8.06
CA ARG B 171 4.12 -5.74 -8.48
CA ARG B 171 4.25 -5.71 -8.47
C ARG B 171 3.38 -5.04 -7.34
C ARG B 171 3.33 -5.01 -7.46
N PRO B 172 3.57 -3.72 -7.18
CA PRO B 172 2.78 -2.99 -6.15
C PRO B 172 1.26 -3.05 -6.42
N GLN B 173 0.87 -3.15 -7.69
CA GLN B 173 -0.56 -3.13 -8.02
CA GLN B 173 -0.57 -3.14 -8.03
C GLN B 173 -1.32 -4.33 -7.46
N SER B 174 -0.58 -5.34 -7.00
CA SER B 174 -1.20 -6.54 -6.46
C SER B 174 -1.58 -6.43 -4.99
N VAL B 175 -1.35 -5.26 -4.38
CA VAL B 175 -1.43 -5.15 -2.91
C VAL B 175 -2.81 -5.59 -2.39
N ALA B 176 -3.90 -5.19 -3.04
CA ALA B 176 -5.24 -5.54 -2.54
C ALA B 176 -5.48 -7.06 -2.61
N GLU B 177 -5.07 -7.68 -3.72
CA GLU B 177 -5.25 -9.12 -3.90
CA GLU B 177 -5.24 -9.12 -3.88
C GLU B 177 -4.45 -9.90 -2.84
N ILE B 178 -3.26 -9.39 -2.50
CA ILE B 178 -2.41 -10.07 -1.54
C ILE B 178 -2.99 -9.98 -0.13
N ILE B 179 -3.40 -8.78 0.27
CA ILE B 179 -4.02 -8.61 1.58
C ILE B 179 -5.26 -9.49 1.70
N ALA B 180 -6.09 -9.52 0.67
CA ALA B 180 -7.32 -10.34 0.71
C ALA B 180 -7.00 -11.84 0.84
N ALA B 181 -5.99 -12.28 0.11
CA ALA B 181 -5.60 -13.70 0.11
C ALA B 181 -5.03 -14.11 1.47
N CYS B 182 -4.34 -13.18 2.13
CA CYS B 182 -3.82 -13.43 3.48
C CYS B 182 -4.93 -13.59 4.51
N GLY B 183 -6.05 -12.90 4.30
N GLY B 183 -6.05 -12.91 4.24
CA GLY B 183 -7.19 -12.93 5.25
CA GLY B 183 -7.28 -13.03 5.02
C GLY B 183 -7.43 -14.22 6.04
C GLY B 183 -6.98 -13.14 6.48
N SER B 184 -7.48 -14.10 7.36
N SER B 184 -7.48 -14.20 7.10
CA SER B 184 -7.71 -15.23 8.29
CA SER B 184 -7.12 -14.51 8.48
C SER B 184 -6.71 -16.38 8.15
C SER B 184 -6.09 -15.66 8.59
N ARG B 185 -5.61 -16.16 7.44
CA ARG B 185 -4.56 -17.19 7.37
C ARG B 185 -3.22 -16.68 7.90
N PHE B 186 -2.85 -15.49 7.42
CA PHE B 186 -1.60 -14.84 7.74
C PHE B 186 -1.88 -13.43 8.22
N GLY B 187 -1.11 -13.00 9.22
CA GLY B 187 -1.22 -11.62 9.73
C GLY B 187 0.15 -11.06 10.00
N GLY B 188 0.20 -9.92 10.70
CA GLY B 188 1.47 -9.21 10.85
C GLY B 188 2.16 -8.91 9.52
N LEU B 189 1.38 -8.60 8.48
CA LEU B 189 1.99 -8.28 7.16
C LEU B 189 2.96 -7.14 7.32
N GLU B 190 4.13 -7.31 6.72
CA GLU B 190 5.08 -6.22 6.53
C GLU B 190 5.23 -6.03 5.04
N ILE B 191 4.96 -4.81 4.58
CA ILE B 191 5.02 -4.51 3.14
C ILE B 191 6.17 -3.55 2.90
N THR B 192 7.10 -3.94 2.03
CA THR B 192 8.22 -3.08 1.73
C THR B 192 8.20 -2.76 0.23
N LEU B 193 7.94 -1.49 -0.10
CA LEU B 193 7.98 -1.09 -1.51
C LEU B 193 9.43 -0.95 -1.98
N ILE B 194 9.62 -1.23 -3.27
N ILE B 194 9.65 -1.30 -3.24
CA ILE B 194 10.93 -1.22 -3.92
CA ILE B 194 10.96 -1.16 -3.87
C ILE B 194 10.92 -0.14 -4.99
C ILE B 194 10.87 -0.09 -4.93
N HIS B 195 11.73 0.91 -4.82
CA HIS B 195 11.74 2.05 -5.76
C HIS B 195 13.09 2.03 -6.50
N PRO B 196 13.10 2.30 -7.81
CA PRO B 196 14.41 2.16 -8.51
C PRO B 196 15.46 3.22 -8.12
N ARG B 197 14.99 4.45 -7.89
N ARG B 197 14.98 4.44 -7.87
CA ARG B 197 15.85 5.50 -7.41
CA ARG B 197 15.82 5.58 -7.53
C ARG B 197 14.99 6.58 -6.72
C ARG B 197 14.99 6.53 -6.66
N PRO B 198 15.64 7.51 -5.99
CA PRO B 198 14.87 8.50 -5.23
C PRO B 198 13.86 9.25 -6.11
N GLY B 199 12.66 9.41 -5.56
CA GLY B 199 11.64 10.22 -6.23
C GLY B 199 10.78 9.46 -7.23
N GLU B 200 11.18 8.23 -7.56
N GLU B 200 11.19 8.23 -7.57
CA GLU B 200 10.48 7.47 -8.61
CA GLU B 200 10.50 7.44 -8.59
C GLU B 200 9.49 6.47 -7.99
C GLU B 200 9.41 6.60 -7.94
N ASP B 201 8.44 6.18 -8.75
CA ASP B 201 7.39 5.25 -8.24
C ASP B 201 7.93 3.86 -7.95
N ALA B 202 7.26 3.14 -7.07
CA ALA B 202 7.62 1.74 -6.75
C ALA B 202 7.47 0.83 -7.98
N VAL B 203 8.41 -0.10 -8.15
CA VAL B 203 8.38 -1.09 -9.22
C VAL B 203 8.10 -2.51 -8.72
N ARG B 204 8.45 -2.80 -7.45
CA ARG B 204 8.19 -4.09 -6.85
C ARG B 204 7.75 -3.89 -5.40
N LEU B 206 7.76 -6.23 -1.62
CA LEU B 206 8.03 -7.42 -0.79
C LEU B 206 6.96 -7.48 0.29
N VAL B 207 6.46 -8.69 0.57
CA VAL B 207 5.50 -8.85 1.65
C VAL B 207 5.92 -10.05 2.48
N THR B 208 5.97 -9.88 3.80
CA THR B 208 6.17 -11.06 4.70
C THR B 208 5.01 -11.10 5.69
N ALA B 209 4.65 -12.29 6.17
CA ALA B 209 3.50 -12.43 7.06
C ALA B 209 3.71 -13.71 7.86
N ILE B 210 3.00 -13.79 8.99
CA ILE B 210 3.20 -14.87 9.95
C ILE B 210 1.88 -15.63 10.05
N LYS B 211 1.92 -16.95 9.83
CA LYS B 211 0.72 -17.76 9.96
C LYS B 211 0.12 -17.64 11.35
N GLY B 212 -1.15 -17.28 11.39
CA GLY B 212 -1.93 -17.26 12.65
C GLY B 212 -1.77 -15.98 13.44
N SER B 213 -0.96 -15.04 12.94
CA SER B 213 -0.86 -13.75 13.61
C SER B 213 -2.09 -12.89 13.34
N ARG B 214 -2.54 -12.16 14.37
N ARG B 214 -2.51 -12.15 14.37
CA ARG B 214 -3.67 -11.25 14.19
CA ARG B 214 -3.65 -11.25 14.29
C ARG B 214 -3.22 -9.78 14.28
C ARG B 214 -3.24 -9.78 14.07
N ALA B 215 -1.93 -9.55 14.11
CA ALA B 215 -1.39 -8.17 14.05
C ALA B 215 -1.77 -7.46 12.75
N ARG B 216 -2.07 -6.17 12.85
N ARG B 216 -2.08 -6.17 12.86
CA ARG B 216 -2.41 -5.36 11.68
CA ARG B 216 -2.39 -5.32 11.70
C ARG B 216 -1.18 -5.08 10.83
C ARG B 216 -1.18 -5.25 10.77
N LEU B 217 -1.41 -4.79 9.55
CA LEU B 217 -0.32 -4.60 8.63
C LEU B 217 0.59 -3.39 8.96
N THR B 218 1.80 -3.45 8.43
CA THR B 218 2.81 -2.42 8.60
C THR B 218 3.42 -2.17 7.21
N PHE B 219 3.62 -0.89 6.83
CA PHE B 219 4.50 -0.60 5.71
C PHE B 219 5.88 -0.25 6.23
N ARG B 220 6.86 -1.05 5.85
CA ARG B 220 8.26 -0.78 6.25
C ARG B 220 8.83 0.39 5.46
N ALA B 221 9.91 0.99 5.95
CA ALA B 221 10.63 1.98 5.12
C ALA B 221 10.99 1.28 3.80
N PRO B 222 10.94 2.01 2.69
CA PRO B 222 11.12 1.34 1.39
C PRO B 222 12.56 1.04 1.11
N LEU B 223 12.81 0.13 0.17
CA LEU B 223 14.16 -0.07 -0.37
C LEU B 223 14.31 0.73 -1.65
N ILE B 224 15.39 1.50 -1.75
CA ILE B 224 15.70 2.26 -2.96
C ILE B 224 16.88 1.53 -3.59
N HIS B 226 18.90 2.19 -6.32
CA HIS B 226 20.04 2.96 -6.82
C HIS B 226 20.06 4.41 -6.30
N GLU B 227 21.25 5.01 -6.24
CA GLU B 227 21.33 6.47 -6.04
C GLU B 227 21.05 7.11 -7.40
N THR B 228 20.60 8.36 -7.37
CA THR B 228 20.40 9.13 -8.58
C THR B 228 21.72 9.19 -9.35
N GLY B 229 21.69 8.76 -10.62
CA GLY B 229 22.84 8.88 -11.50
C GLY B 229 23.83 7.73 -11.48
N SER B 230 23.55 6.70 -10.69
CA SER B 230 24.45 5.55 -10.65
C SER B 230 23.76 4.26 -11.03
N HIS B 231 24.48 3.39 -11.73
CA HIS B 231 23.98 2.05 -12.03
C HIS B 231 24.27 1.09 -10.87
N ALA B 232 25.17 1.48 -9.97
CA ALA B 232 25.48 0.68 -8.78
C ALA B 232 24.27 0.56 -7.87
N PHE B 233 24.18 -0.52 -7.11
CA PHE B 233 23.15 -0.61 -6.07
C PHE B 233 23.56 0.20 -4.85
N THR B 234 22.55 0.69 -4.12
CA THR B 234 22.72 1.25 -2.78
C THR B 234 23.31 0.18 -1.85
N PRO B 235 24.06 0.60 -0.81
CA PRO B 235 24.83 -0.38 -0.02
C PRO B 235 24.01 -1.54 0.61
N PHE B 236 22.85 -1.25 1.23
CA PHE B 236 22.06 -2.33 1.81
C PHE B 236 21.58 -3.30 0.73
N VAL B 237 21.05 -2.75 -0.36
CA VAL B 237 20.55 -3.57 -1.46
C VAL B 237 21.67 -4.36 -2.13
N ASP B 238 22.84 -3.74 -2.21
CA ASP B 238 23.98 -4.45 -2.77
C ASP B 238 24.34 -5.69 -1.94
N ASP B 239 24.35 -5.55 -0.60
CA ASP B 239 24.50 -6.68 0.32
C ASP B 239 23.44 -7.77 0.11
N LEU B 240 22.18 -7.37 -0.07
CA LEU B 240 21.11 -8.32 -0.34
C LEU B 240 21.40 -9.07 -1.64
N ASN B 241 21.81 -8.33 -2.67
CA ASN B 241 22.14 -8.91 -3.98
C ASN B 241 23.28 -9.92 -3.96
N ASN B 242 24.31 -9.65 -3.15
CA ASN B 242 25.46 -10.53 -3.03
C ASN B 242 25.20 -11.76 -2.15
N GLY B 243 24.00 -11.86 -1.55
CA GLY B 243 23.75 -12.92 -0.57
C GLY B 243 24.50 -12.68 0.72
N ARG B 244 24.95 -11.43 0.92
CA ARG B 244 25.74 -11.03 2.09
C ARG B 244 24.89 -10.67 3.32
N ALA B 245 23.57 -10.65 3.16
CA ALA B 245 22.67 -10.23 4.22
C ALA B 245 21.24 -10.71 3.97
N ALA B 246 20.49 -10.83 5.05
CA ALA B 246 19.04 -11.00 5.00
C ALA B 246 18.36 -9.66 5.27
N TYR B 247 17.10 -9.57 4.87
CA TYR B 247 16.25 -8.44 5.23
C TYR B 247 15.21 -8.97 6.21
N ALA B 248 15.43 -8.69 7.49
CA ALA B 248 14.66 -9.28 8.57
C ALA B 248 13.38 -8.47 8.87
N ARG B 249 12.38 -9.13 9.41
CA ARG B 249 11.16 -8.48 9.92
C ARG B 249 11.51 -7.62 11.15
N ASN B 250 10.63 -6.66 11.47
CA ASN B 250 10.75 -5.91 12.73
C ASN B 250 10.77 -6.85 13.94
N VAL B 251 11.59 -6.52 14.92
CA VAL B 251 11.64 -7.31 16.15
C VAL B 251 10.36 -7.07 16.96
N ARG B 252 9.86 -8.13 17.61
CA ARG B 252 8.57 -8.06 18.32
C ARG B 252 8.46 -6.89 19.30
N ALA B 253 9.60 -6.48 19.85
CA ALA B 253 9.73 -5.23 20.61
C ALA B 253 8.89 -4.10 20.02
#